data_1JLW
#
_entry.id   1JLW
#
_cell.length_a   49.440
_cell.length_b   49.440
_cell.length_c   271.810
_cell.angle_alpha   90.00
_cell.angle_beta   90.00
_cell.angle_gamma   120.00
#
_symmetry.space_group_name_H-M   'P 32 2 1'
#
loop_
_entity.id
_entity.type
_entity.pdbx_description
1 polymer 'glutathione transferase GST1-4'
2 water water
#
_entity_poly.entity_id   1
_entity_poly.type   'polypeptide(L)'
_entity_poly.pdbx_seq_one_letter_code
;MDFYYLPGSAPCRAVQMTAAAVGVELNLKLTNLMAGEHMKPEFLKLNPQHCIPTLVDEDGFVLWESRAIQIYLVEKYGAH
DADLAERLYPSDPRRRAVVHQRLFFDVAVLYQRFAEYYYPQIFGQKVPVGDPGRLRSMEQALEFLNTFLEGEQYVAGGDD
PTIADLSILATIATYEVAGYDLRRYENVQRWYERTSAIVPGADKNVEGAKVFGRYFTQK
;
_entity_poly.pdbx_strand_id   A,B
#
# COMPACT_ATOMS: atom_id res chain seq x y z
N MET A 1 18.54 14.38 -8.84
CA MET A 1 18.31 14.29 -7.37
C MET A 1 18.81 12.96 -6.81
N ASP A 2 19.25 12.97 -5.55
CA ASP A 2 19.79 11.79 -4.91
C ASP A 2 18.81 10.64 -4.79
N PHE A 3 19.25 9.48 -5.27
CA PHE A 3 18.44 8.29 -5.22
C PHE A 3 19.22 7.16 -4.58
N TYR A 4 18.90 6.84 -3.33
CA TYR A 4 19.57 5.75 -2.64
C TYR A 4 18.80 4.50 -3.03
N TYR A 5 19.50 3.52 -3.60
CA TYR A 5 18.82 2.31 -4.05
C TYR A 5 19.70 1.06 -4.11
N LEU A 6 19.19 0.07 -4.84
CA LEU A 6 19.83 -1.21 -5.08
C LEU A 6 19.18 -1.78 -6.37
N PRO A 7 20.00 -2.18 -7.35
CA PRO A 7 19.54 -2.74 -8.63
C PRO A 7 18.49 -3.83 -8.59
N GLY A 8 18.71 -4.84 -7.75
CA GLY A 8 17.77 -5.93 -7.65
C GLY A 8 16.46 -5.61 -6.98
N SER A 9 16.39 -4.44 -6.34
CA SER A 9 15.19 -3.99 -5.63
C SER A 9 14.06 -3.61 -6.58
N ALA A 10 12.92 -4.28 -6.45
CA ALA A 10 11.77 -4.01 -7.31
C ALA A 10 11.24 -2.58 -7.12
N PRO A 11 11.08 -2.14 -5.87
CA PRO A 11 10.60 -0.78 -5.63
C PRO A 11 11.52 0.24 -6.32
N CYS A 12 12.82 0.03 -6.15
CA CYS A 12 13.80 0.92 -6.76
C CYS A 12 13.61 0.92 -8.29
N ARG A 13 13.47 -0.26 -8.88
CA ARG A 13 13.29 -0.35 -10.31
C ARG A 13 12.00 0.36 -10.74
N ALA A 14 10.96 0.26 -9.90
CA ALA A 14 9.70 0.92 -10.20
C ALA A 14 9.97 2.42 -10.32
N VAL A 15 10.71 2.96 -9.36
CA VAL A 15 11.03 4.38 -9.38
C VAL A 15 11.93 4.72 -10.56
N GLN A 16 12.82 3.81 -10.92
CA GLN A 16 13.70 4.07 -12.03
C GLN A 16 12.93 4.22 -13.35
N MET A 17 11.96 3.35 -13.58
CA MET A 17 11.19 3.43 -14.81
C MET A 17 10.36 4.70 -14.84
N THR A 18 9.83 5.06 -13.68
CA THR A 18 8.99 6.24 -13.57
C THR A 18 9.81 7.50 -13.85
N ALA A 19 11.01 7.56 -13.27
CA ALA A 19 11.91 8.70 -13.46
C ALA A 19 12.20 8.86 -14.95
N ALA A 20 12.47 7.74 -15.62
CA ALA A 20 12.75 7.75 -17.05
C ALA A 20 11.51 8.22 -17.81
N ALA A 21 10.34 7.78 -17.35
CA ALA A 21 9.10 8.16 -18.02
C ALA A 21 8.89 9.66 -17.98
N VAL A 22 9.29 10.31 -16.88
CA VAL A 22 9.10 11.75 -16.77
C VAL A 22 10.32 12.58 -17.09
N GLY A 23 11.35 11.94 -17.64
CA GLY A 23 12.54 12.67 -18.00
C GLY A 23 13.38 13.21 -16.85
N VAL A 24 13.34 12.55 -15.70
CA VAL A 24 14.14 12.98 -14.57
C VAL A 24 15.39 12.11 -14.51
N GLU A 25 16.52 12.73 -14.22
CA GLU A 25 17.74 11.95 -14.12
C GLU A 25 18.02 11.78 -12.63
N LEU A 26 18.20 10.53 -12.22
CA LEU A 26 18.47 10.24 -10.82
C LEU A 26 19.96 10.08 -10.61
N ASN A 27 20.44 10.61 -9.50
CA ASN A 27 21.84 10.54 -9.16
C ASN A 27 21.96 9.26 -8.32
N LEU A 28 22.17 8.14 -8.99
CA LEU A 28 22.27 6.85 -8.33
C LEU A 28 23.34 6.73 -7.25
N LYS A 29 22.92 6.28 -6.08
CA LYS A 29 23.79 6.10 -4.93
C LYS A 29 23.46 4.70 -4.39
N LEU A 30 24.33 3.74 -4.67
CA LEU A 30 24.12 2.36 -4.21
C LEU A 30 24.12 2.24 -2.69
N THR A 31 22.97 1.95 -2.11
CA THR A 31 22.86 1.82 -0.67
C THR A 31 23.04 0.37 -0.22
N ASN A 32 24.19 -0.20 -0.51
CA ASN A 32 24.48 -1.58 -0.12
C ASN A 32 24.14 -1.73 1.35
N LEU A 33 23.14 -2.54 1.66
CA LEU A 33 22.75 -2.73 3.06
C LEU A 33 23.91 -3.28 3.88
N MET A 34 25.11 -3.16 3.33
CA MET A 34 26.34 -3.61 3.99
C MET A 34 26.72 -2.59 5.05
N ALA A 35 27.41 -3.05 6.08
CA ALA A 35 27.81 -2.16 7.17
C ALA A 35 26.55 -1.53 7.77
N GLY A 36 25.40 -1.97 7.27
CA GLY A 36 24.11 -1.45 7.72
C GLY A 36 23.90 -0.04 7.23
N GLU A 37 24.22 0.19 5.96
CA GLU A 37 24.07 1.52 5.35
C GLU A 37 22.74 2.19 5.68
N HIS A 38 21.68 1.39 5.81
CA HIS A 38 20.37 1.92 6.13
C HIS A 38 20.24 2.29 7.62
N MET A 39 20.96 1.57 8.47
CA MET A 39 20.95 1.82 9.92
C MET A 39 22.04 2.85 10.25
N LYS A 40 22.70 3.34 9.21
CA LYS A 40 23.78 4.32 9.33
C LYS A 40 23.25 5.68 9.80
N PRO A 41 24.11 6.51 10.41
CA PRO A 41 23.74 7.83 10.91
C PRO A 41 23.09 8.76 9.88
N GLU A 42 23.89 9.25 8.94
CA GLU A 42 23.42 10.16 7.90
C GLU A 42 22.12 9.71 7.24
N PHE A 43 22.06 8.43 6.85
CA PHE A 43 20.86 7.89 6.21
C PHE A 43 19.64 7.91 7.12
N LEU A 44 19.74 7.27 8.29
CA LEU A 44 18.63 7.25 9.23
C LEU A 44 18.15 8.67 9.49
N LYS A 45 19.07 9.63 9.34
CA LYS A 45 18.77 11.04 9.54
C LYS A 45 17.78 11.53 8.50
N LEU A 46 17.85 10.94 7.32
CA LEU A 46 16.97 11.27 6.21
C LEU A 46 15.69 10.43 6.35
N ASN A 47 15.88 9.11 6.33
CA ASN A 47 14.77 8.17 6.44
C ASN A 47 14.89 7.36 7.74
N PRO A 48 14.15 7.76 8.79
CA PRO A 48 14.18 7.06 10.07
C PRO A 48 13.76 5.61 9.93
N GLN A 49 12.98 5.34 8.88
CA GLN A 49 12.50 3.99 8.59
C GLN A 49 13.58 3.22 7.85
N HIS A 50 14.69 3.92 7.58
CA HIS A 50 15.83 3.35 6.86
C HIS A 50 15.46 2.38 5.76
N CYS A 51 14.31 2.61 5.12
CA CYS A 51 13.91 1.70 4.06
C CYS A 51 14.38 2.27 2.73
N ILE A 52 14.50 1.39 1.74
CA ILE A 52 14.95 1.78 0.42
C ILE A 52 13.83 1.44 -0.57
N PRO A 53 13.68 2.21 -1.65
CA PRO A 53 14.52 3.35 -2.01
C PRO A 53 14.19 4.60 -1.22
N THR A 54 15.08 5.57 -1.32
CA THR A 54 14.92 6.84 -0.64
C THR A 54 15.34 7.93 -1.59
N LEU A 55 14.48 8.92 -1.76
CA LEU A 55 14.71 10.04 -2.64
C LEU A 55 14.92 11.33 -1.86
N VAL A 56 15.89 12.12 -2.28
CA VAL A 56 16.15 13.39 -1.63
C VAL A 56 16.08 14.46 -2.68
N ASP A 57 15.04 15.27 -2.59
CA ASP A 57 14.80 16.34 -3.52
C ASP A 57 15.87 17.42 -3.41
N GLU A 58 15.86 18.34 -4.37
CA GLU A 58 16.82 19.44 -4.40
C GLU A 58 16.78 20.22 -3.08
N ASP A 59 15.59 20.39 -2.53
CA ASP A 59 15.45 21.12 -1.28
C ASP A 59 15.73 20.25 -0.09
N GLY A 60 16.32 19.09 -0.33
CA GLY A 60 16.64 18.19 0.77
C GLY A 60 15.42 17.41 1.19
N PHE A 61 14.30 17.65 0.52
CA PHE A 61 13.08 16.94 0.83
C PHE A 61 13.33 15.44 0.69
N VAL A 62 13.03 14.70 1.74
CA VAL A 62 13.24 13.24 1.74
C VAL A 62 11.96 12.45 1.57
N LEU A 63 12.01 11.46 0.70
CA LEU A 63 10.86 10.61 0.41
C LEU A 63 11.25 9.16 0.22
N TRP A 64 10.44 8.27 0.77
CA TRP A 64 10.68 6.85 0.59
C TRP A 64 9.36 6.18 0.33
N GLU A 65 9.38 4.90 0.00
CA GLU A 65 8.18 4.14 -0.36
C GLU A 65 8.01 4.44 -1.82
N SER A 66 8.51 3.53 -2.64
CA SER A 66 8.48 3.68 -4.08
C SER A 66 7.21 4.24 -4.69
N ARG A 67 6.07 3.66 -4.34
CA ARG A 67 4.82 4.11 -4.93
C ARG A 67 4.50 5.57 -4.64
N ALA A 68 4.84 6.04 -3.44
CA ALA A 68 4.61 7.43 -3.09
C ALA A 68 5.55 8.27 -3.95
N ILE A 69 6.76 7.77 -4.15
CA ILE A 69 7.72 8.49 -4.95
C ILE A 69 7.25 8.57 -6.41
N GLN A 70 6.72 7.47 -6.92
CA GLN A 70 6.25 7.43 -8.28
C GLN A 70 5.27 8.57 -8.51
N ILE A 71 4.30 8.68 -7.62
CA ILE A 71 3.29 9.73 -7.73
C ILE A 71 3.94 11.11 -7.67
N TYR A 72 4.86 11.26 -6.73
CA TYR A 72 5.58 12.50 -6.53
C TYR A 72 6.29 12.93 -7.81
N LEU A 73 7.00 11.99 -8.41
CA LEU A 73 7.73 12.28 -9.64
C LEU A 73 6.81 12.79 -10.73
N VAL A 74 5.64 12.19 -10.84
CA VAL A 74 4.73 12.62 -11.87
C VAL A 74 4.16 13.98 -11.54
N GLU A 75 3.65 14.12 -10.32
CA GLU A 75 3.04 15.36 -9.92
C GLU A 75 3.97 16.57 -9.92
N LYS A 76 5.20 16.38 -9.48
CA LYS A 76 6.12 17.49 -9.45
C LYS A 76 7.03 17.62 -10.67
N TYR A 77 7.40 16.50 -11.28
CA TYR A 77 8.29 16.58 -12.42
C TYR A 77 7.74 16.22 -13.78
N GLY A 78 6.69 15.43 -13.82
CA GLY A 78 6.15 15.06 -15.11
C GLY A 78 5.10 16.04 -15.61
N ALA A 79 4.49 16.76 -14.67
CA ALA A 79 3.44 17.70 -15.00
C ALA A 79 3.80 18.77 -16.04
N HIS A 80 5.08 19.04 -16.27
CA HIS A 80 5.38 20.04 -17.29
C HIS A 80 4.71 19.57 -18.59
N ASP A 81 4.72 18.26 -18.82
CA ASP A 81 4.06 17.71 -20.01
C ASP A 81 2.72 17.10 -19.59
N ALA A 82 1.73 17.97 -19.45
CA ALA A 82 0.38 17.60 -19.06
C ALA A 82 -0.17 16.34 -19.74
N ASP A 83 0.26 16.07 -20.96
CA ASP A 83 -0.22 14.89 -21.66
C ASP A 83 0.38 13.67 -21.00
N LEU A 84 1.64 13.78 -20.62
CA LEU A 84 2.31 12.66 -19.97
C LEU A 84 1.68 12.35 -18.62
N ALA A 85 1.68 13.34 -17.72
CA ALA A 85 1.10 13.14 -16.39
C ALA A 85 -0.26 12.46 -16.49
N GLU A 86 -1.10 12.94 -17.41
CA GLU A 86 -2.42 12.37 -17.55
C GLU A 86 -2.38 10.92 -18.02
N ARG A 87 -1.35 10.60 -18.78
CA ARG A 87 -1.19 9.24 -19.28
C ARG A 87 -0.72 8.32 -18.16
N LEU A 88 0.27 8.77 -17.39
CA LEU A 88 0.83 7.98 -16.31
C LEU A 88 0.04 8.03 -15.01
N TYR A 89 -0.70 9.10 -14.80
CA TYR A 89 -1.43 9.29 -13.55
C TYR A 89 -2.72 10.04 -13.82
N PRO A 90 -3.68 9.40 -14.51
CA PRO A 90 -4.99 9.96 -14.86
C PRO A 90 -5.60 10.76 -13.72
N SER A 91 -6.03 11.98 -14.04
CA SER A 91 -6.64 12.86 -13.05
C SER A 91 -8.10 12.58 -12.72
N ASP A 92 -8.78 11.82 -13.57
CA ASP A 92 -10.18 11.50 -13.28
C ASP A 92 -10.25 10.62 -12.05
N PRO A 93 -11.02 11.05 -11.04
CA PRO A 93 -11.17 10.30 -9.80
C PRO A 93 -11.36 8.80 -9.98
N ARG A 94 -12.19 8.42 -10.95
CA ARG A 94 -12.46 7.00 -11.20
C ARG A 94 -11.26 6.25 -11.74
N ARG A 95 -10.59 6.85 -12.72
CA ARG A 95 -9.44 6.25 -13.35
C ARG A 95 -8.30 6.19 -12.35
N ARG A 96 -8.07 7.31 -11.65
CA ARG A 96 -7.00 7.37 -10.67
C ARG A 96 -7.22 6.37 -9.55
N ALA A 97 -8.48 6.20 -9.15
CA ALA A 97 -8.82 5.26 -8.08
C ALA A 97 -8.32 3.86 -8.44
N VAL A 98 -8.58 3.43 -9.68
CA VAL A 98 -8.14 2.12 -10.14
C VAL A 98 -6.62 2.03 -10.10
N VAL A 99 -5.95 3.11 -10.51
CA VAL A 99 -4.48 3.14 -10.46
C VAL A 99 -4.05 2.91 -9.01
N HIS A 100 -4.56 3.75 -8.12
CA HIS A 100 -4.25 3.63 -6.70
C HIS A 100 -4.52 2.22 -6.19
N GLN A 101 -5.68 1.68 -6.56
CA GLN A 101 -6.07 0.33 -6.15
C GLN A 101 -4.97 -0.66 -6.51
N ARG A 102 -4.52 -0.60 -7.76
CA ARG A 102 -3.49 -1.49 -8.23
C ARG A 102 -2.18 -1.29 -7.49
N LEU A 103 -1.83 -0.04 -7.21
CA LEU A 103 -0.61 0.28 -6.50
C LEU A 103 -0.64 -0.39 -5.12
N PHE A 104 -1.77 -0.28 -4.46
CA PHE A 104 -1.92 -0.87 -3.15
C PHE A 104 -1.91 -2.39 -3.27
N PHE A 105 -2.53 -2.90 -4.33
CA PHE A 105 -2.58 -4.32 -4.57
C PHE A 105 -1.15 -4.86 -4.71
N ASP A 106 -0.33 -4.10 -5.43
CA ASP A 106 1.05 -4.45 -5.65
C ASP A 106 1.85 -4.59 -4.36
N VAL A 107 1.82 -3.57 -3.49
CA VAL A 107 2.55 -3.65 -2.23
C VAL A 107 2.03 -4.71 -1.29
N ALA A 108 0.75 -4.55 -0.94
CA ALA A 108 0.08 -5.41 0.01
C ALA A 108 -0.19 -6.84 -0.39
N VAL A 109 -0.30 -7.09 -1.68
CA VAL A 109 -0.63 -8.43 -2.12
C VAL A 109 0.36 -9.06 -3.08
N LEU A 110 0.47 -8.52 -4.28
CA LEU A 110 1.35 -9.08 -5.29
C LEU A 110 2.79 -9.28 -4.87
N TYR A 111 3.44 -8.23 -4.38
CA TYR A 111 4.83 -8.40 -3.95
C TYR A 111 4.91 -9.02 -2.57
N GLN A 112 3.98 -8.62 -1.70
CA GLN A 112 3.94 -9.13 -0.34
C GLN A 112 4.01 -10.66 -0.35
N ARG A 113 3.08 -11.29 -1.06
CA ARG A 113 3.03 -12.74 -1.13
C ARG A 113 4.18 -13.34 -1.88
N PHE A 114 4.75 -12.58 -2.80
CA PHE A 114 5.90 -13.08 -3.55
C PHE A 114 7.01 -13.28 -2.52
N ALA A 115 7.27 -12.23 -1.75
CA ALA A 115 8.32 -12.25 -0.74
C ALA A 115 8.07 -13.29 0.36
N GLU A 116 6.85 -13.30 0.89
CA GLU A 116 6.48 -14.22 1.95
C GLU A 116 6.74 -15.68 1.58
N TYR A 117 6.75 -15.95 0.28
CA TYR A 117 6.97 -17.30 -0.21
C TYR A 117 8.43 -17.58 -0.52
N TYR A 118 9.10 -16.61 -1.13
CA TYR A 118 10.49 -16.80 -1.52
C TYR A 118 11.54 -16.36 -0.51
N TYR A 119 11.30 -15.25 0.16
CA TYR A 119 12.27 -14.75 1.14
C TYR A 119 12.74 -15.80 2.14
N PRO A 120 11.84 -16.70 2.57
CA PRO A 120 12.27 -17.73 3.53
C PRO A 120 13.20 -18.74 2.88
N GLN A 121 13.13 -18.85 1.56
CA GLN A 121 13.96 -19.78 0.82
C GLN A 121 15.32 -19.21 0.40
N ILE A 122 15.39 -17.90 0.27
CA ILE A 122 16.63 -17.25 -0.17
C ILE A 122 17.39 -16.48 0.89
N PHE A 123 16.73 -16.17 2.00
CA PHE A 123 17.37 -15.41 3.05
C PHE A 123 17.40 -16.13 4.38
N GLY A 124 17.96 -15.45 5.39
CA GLY A 124 18.05 -16.00 6.72
C GLY A 124 18.56 -17.42 6.83
N GLN A 125 17.64 -18.36 7.04
CA GLN A 125 17.96 -19.77 7.18
C GLN A 125 17.91 -20.55 5.86
N LYS A 126 17.29 -19.97 4.84
CA LYS A 126 17.19 -20.61 3.53
C LYS A 126 16.49 -21.96 3.67
N VAL A 127 15.16 -21.95 3.53
CA VAL A 127 14.34 -23.15 3.64
C VAL A 127 14.27 -23.96 2.36
N PRO A 128 14.35 -25.30 2.46
CA PRO A 128 14.30 -26.22 1.32
C PRO A 128 13.06 -26.05 0.43
N VAL A 129 13.08 -24.99 -0.37
CA VAL A 129 12.01 -24.65 -1.32
C VAL A 129 10.55 -24.95 -0.94
N GLY A 130 9.79 -23.89 -0.69
CA GLY A 130 8.37 -24.07 -0.42
C GLY A 130 7.70 -24.07 0.93
N ASP A 131 6.41 -23.73 0.85
CA ASP A 131 5.45 -23.67 1.96
C ASP A 131 4.13 -23.54 1.21
N PRO A 132 3.58 -24.67 0.76
CA PRO A 132 2.34 -24.80 0.01
C PRO A 132 1.28 -23.73 0.25
N GLY A 133 1.07 -23.37 1.51
CA GLY A 133 0.08 -22.36 1.81
C GLY A 133 0.43 -21.05 1.16
N ARG A 134 1.67 -20.64 1.35
CA ARG A 134 2.14 -19.39 0.78
C ARG A 134 2.24 -19.46 -0.73
N LEU A 135 2.41 -20.66 -1.26
CA LEU A 135 2.51 -20.80 -2.71
C LEU A 135 1.14 -20.54 -3.33
N ARG A 136 0.10 -21.16 -2.77
CA ARG A 136 -1.24 -20.97 -3.30
C ARG A 136 -1.63 -19.52 -3.16
N SER A 137 -1.37 -18.95 -1.98
CA SER A 137 -1.70 -17.56 -1.71
C SER A 137 -1.01 -16.64 -2.71
N MET A 138 0.23 -16.98 -3.08
CA MET A 138 1.00 -16.20 -4.04
C MET A 138 0.39 -16.36 -5.42
N GLU A 139 0.05 -17.59 -5.77
CA GLU A 139 -0.53 -17.89 -7.08
C GLU A 139 -1.89 -17.22 -7.22
N GLN A 140 -2.56 -17.07 -6.08
CA GLN A 140 -3.87 -16.43 -6.05
C GLN A 140 -3.73 -14.96 -6.44
N ALA A 141 -2.63 -14.34 -5.99
CA ALA A 141 -2.39 -12.95 -6.31
C ALA A 141 -2.20 -12.81 -7.82
N LEU A 142 -1.60 -13.82 -8.45
CA LEU A 142 -1.38 -13.82 -9.89
C LEU A 142 -2.70 -14.05 -10.61
N GLU A 143 -3.56 -14.87 -10.03
CA GLU A 143 -4.86 -15.11 -10.64
C GLU A 143 -5.60 -13.78 -10.68
N PHE A 144 -5.53 -13.04 -9.57
CA PHE A 144 -6.17 -11.74 -9.46
C PHE A 144 -5.67 -10.83 -10.59
N LEU A 145 -4.35 -10.70 -10.65
CA LEU A 145 -3.75 -9.84 -11.65
C LEU A 145 -4.18 -10.27 -13.04
N ASN A 146 -4.23 -11.58 -13.23
CA ASN A 146 -4.62 -12.11 -14.52
C ASN A 146 -6.03 -11.67 -14.86
N THR A 147 -6.90 -11.66 -13.86
CA THR A 147 -8.28 -11.27 -14.06
C THR A 147 -8.35 -9.76 -14.35
N PHE A 148 -7.58 -8.97 -13.61
CA PHE A 148 -7.57 -7.52 -13.83
C PHE A 148 -7.24 -7.22 -15.29
N LEU A 149 -6.34 -8.02 -15.85
CA LEU A 149 -5.90 -7.84 -17.22
C LEU A 149 -6.80 -8.45 -18.29
N GLU A 150 -7.82 -9.18 -17.88
CA GLU A 150 -8.75 -9.81 -18.81
C GLU A 150 -9.31 -8.73 -19.73
N GLY A 151 -9.02 -8.82 -21.02
CA GLY A 151 -9.52 -7.84 -21.96
C GLY A 151 -9.03 -6.41 -21.71
N GLU A 152 -7.82 -6.28 -21.18
CA GLU A 152 -7.25 -4.98 -20.90
C GLU A 152 -5.78 -4.99 -21.27
N GLN A 153 -5.29 -3.89 -21.82
CA GLN A 153 -3.88 -3.82 -22.17
C GLN A 153 -3.04 -3.49 -20.95
N TYR A 154 -3.58 -2.66 -20.08
CA TYR A 154 -2.85 -2.23 -18.90
C TYR A 154 -3.55 -2.53 -17.60
N VAL A 155 -2.76 -2.86 -16.59
CA VAL A 155 -3.25 -3.22 -15.26
C VAL A 155 -4.38 -2.38 -14.69
N ALA A 156 -4.41 -1.09 -15.00
CA ALA A 156 -5.45 -0.22 -14.48
C ALA A 156 -6.34 0.28 -15.60
N GLY A 157 -6.35 -0.45 -16.70
CA GLY A 157 -7.14 -0.06 -17.85
C GLY A 157 -6.51 1.15 -18.51
N GLY A 158 -7.30 1.85 -19.33
CA GLY A 158 -6.79 3.03 -19.99
C GLY A 158 -6.12 2.62 -21.28
N ASP A 159 -5.60 3.60 -22.01
CA ASP A 159 -4.96 3.32 -23.29
C ASP A 159 -3.45 3.36 -23.32
N ASP A 160 -2.85 3.68 -22.18
CA ASP A 160 -1.42 3.73 -22.07
C ASP A 160 -1.02 3.24 -20.71
N PRO A 161 0.21 2.73 -20.59
CA PRO A 161 0.68 2.23 -19.30
C PRO A 161 0.58 3.36 -18.28
N THR A 162 0.27 3.03 -17.04
CA THR A 162 0.21 4.04 -15.99
C THR A 162 1.30 3.72 -14.99
N ILE A 163 1.37 4.55 -13.96
CA ILE A 163 2.31 4.39 -12.87
C ILE A 163 2.17 2.98 -12.33
N ALA A 164 0.93 2.48 -12.33
CA ALA A 164 0.64 1.14 -11.83
C ALA A 164 1.29 0.04 -12.66
N ASP A 165 1.32 0.23 -13.96
CA ASP A 165 1.95 -0.76 -14.85
C ASP A 165 3.43 -0.90 -14.55
N LEU A 166 4.08 0.23 -14.32
CA LEU A 166 5.51 0.25 -14.04
C LEU A 166 5.80 -0.40 -12.70
N SER A 167 4.96 -0.12 -11.72
CA SER A 167 5.16 -0.68 -10.40
C SER A 167 5.05 -2.20 -10.47
N ILE A 168 3.94 -2.66 -11.04
CA ILE A 168 3.70 -4.08 -11.15
C ILE A 168 4.68 -4.71 -12.12
N LEU A 169 5.10 -3.94 -13.10
CA LEU A 169 6.07 -4.45 -14.06
C LEU A 169 7.36 -4.81 -13.31
N ALA A 170 7.67 -4.03 -12.26
CA ALA A 170 8.87 -4.28 -11.49
C ALA A 170 8.69 -5.54 -10.67
N THR A 171 7.53 -5.66 -10.03
CA THR A 171 7.25 -6.80 -9.22
C THR A 171 7.29 -8.08 -10.02
N ILE A 172 6.54 -8.09 -11.13
CA ILE A 172 6.46 -9.26 -11.98
C ILE A 172 7.79 -9.67 -12.57
N ALA A 173 8.63 -8.71 -12.92
CA ALA A 173 9.93 -9.03 -13.48
C ALA A 173 10.70 -9.81 -12.41
N THR A 174 10.39 -9.53 -11.14
CA THR A 174 11.06 -10.22 -10.04
C THR A 174 10.52 -11.64 -10.00
N TYR A 175 9.24 -11.80 -10.29
CA TYR A 175 8.63 -13.12 -10.30
C TYR A 175 9.37 -14.00 -11.31
N GLU A 176 9.64 -13.43 -12.48
CA GLU A 176 10.34 -14.18 -13.52
C GLU A 176 11.72 -14.66 -13.10
N VAL A 177 12.57 -13.76 -12.60
CA VAL A 177 13.92 -14.14 -12.21
C VAL A 177 13.85 -15.19 -11.10
N ALA A 178 12.77 -15.13 -10.34
CA ALA A 178 12.56 -16.08 -9.26
C ALA A 178 12.35 -17.47 -9.87
N GLY A 179 12.01 -17.51 -11.16
CA GLY A 179 11.82 -18.77 -11.83
C GLY A 179 10.38 -19.25 -11.93
N TYR A 180 9.43 -18.44 -11.49
CA TYR A 180 8.04 -18.84 -11.58
C TYR A 180 7.64 -18.81 -13.06
N ASP A 181 6.79 -19.75 -13.47
CA ASP A 181 6.35 -19.81 -14.85
C ASP A 181 5.12 -18.95 -15.09
N LEU A 182 5.34 -17.75 -15.60
CA LEU A 182 4.24 -16.82 -15.85
C LEU A 182 3.37 -17.23 -17.02
N ARG A 183 3.82 -18.21 -17.80
CA ARG A 183 3.02 -18.67 -18.93
C ARG A 183 1.70 -19.21 -18.36
N ARG A 184 1.74 -19.61 -17.10
CA ARG A 184 0.56 -20.14 -16.43
C ARG A 184 -0.56 -19.10 -16.27
N TYR A 185 -0.31 -17.87 -16.70
CA TYR A 185 -1.30 -16.81 -16.62
C TYR A 185 -1.19 -15.96 -17.87
N GLU A 186 -1.89 -16.39 -18.91
CA GLU A 186 -1.88 -15.74 -20.23
C GLU A 186 -1.89 -14.22 -20.24
N ASN A 187 -2.81 -13.61 -19.52
CA ASN A 187 -2.89 -12.15 -19.48
C ASN A 187 -1.65 -11.51 -18.89
N VAL A 188 -1.18 -12.06 -17.77
CA VAL A 188 0.01 -11.52 -17.12
C VAL A 188 1.20 -11.65 -18.06
N GLN A 189 1.34 -12.84 -18.64
CA GLN A 189 2.44 -13.13 -19.57
C GLN A 189 2.37 -12.17 -20.74
N ARG A 190 1.19 -12.07 -21.33
CA ARG A 190 1.00 -11.21 -22.47
C ARG A 190 1.33 -9.76 -22.11
N TRP A 191 0.72 -9.27 -21.05
CA TRP A 191 0.94 -7.92 -20.57
C TRP A 191 2.41 -7.66 -20.30
N TYR A 192 3.05 -8.60 -19.64
CA TYR A 192 4.45 -8.48 -19.28
C TYR A 192 5.34 -8.23 -20.48
N GLU A 193 5.28 -9.13 -21.45
CA GLU A 193 6.08 -8.99 -22.66
C GLU A 193 5.81 -7.65 -23.33
N ARG A 194 4.55 -7.42 -23.65
CA ARG A 194 4.12 -6.20 -24.30
C ARG A 194 4.62 -4.95 -23.59
N THR A 195 4.22 -4.81 -22.34
CA THR A 195 4.61 -3.64 -21.57
C THR A 195 6.13 -3.46 -21.46
N SER A 196 6.84 -4.55 -21.22
CA SER A 196 8.29 -4.51 -21.10
C SER A 196 8.91 -4.04 -22.41
N ALA A 197 8.13 -4.08 -23.48
CA ALA A 197 8.66 -3.70 -24.78
C ALA A 197 8.42 -2.24 -25.15
N ILE A 198 7.59 -1.54 -24.41
CA ILE A 198 7.31 -0.15 -24.77
C ILE A 198 7.53 0.85 -23.65
N VAL A 199 7.90 0.36 -22.48
CA VAL A 199 8.10 1.23 -21.34
C VAL A 199 9.49 1.81 -21.19
N PRO A 200 9.57 3.08 -20.79
CA PRO A 200 10.86 3.76 -20.60
C PRO A 200 11.58 3.12 -19.41
N GLY A 201 12.84 2.75 -19.60
CA GLY A 201 13.60 2.16 -18.52
C GLY A 201 13.42 0.66 -18.35
N ALA A 202 12.56 0.06 -19.17
CA ALA A 202 12.30 -1.37 -19.10
C ALA A 202 13.65 -2.10 -19.01
N ASP A 203 14.66 -1.52 -19.67
CA ASP A 203 16.01 -2.08 -19.69
C ASP A 203 16.69 -2.17 -18.32
N LYS A 204 16.48 -1.18 -17.46
CA LYS A 204 17.09 -1.20 -16.13
C LYS A 204 16.28 -2.11 -15.26
N ASN A 205 15.01 -2.26 -15.60
CA ASN A 205 14.15 -3.15 -14.84
C ASN A 205 14.68 -4.57 -15.06
N VAL A 206 14.64 -5.02 -16.30
CA VAL A 206 15.13 -6.36 -16.60
C VAL A 206 16.53 -6.56 -16.01
N GLU A 207 17.44 -5.61 -16.25
CA GLU A 207 18.80 -5.75 -15.74
C GLU A 207 18.88 -5.85 -14.23
N GLY A 208 18.12 -5.02 -13.55
CA GLY A 208 18.12 -5.06 -12.10
C GLY A 208 17.50 -6.35 -11.60
N ALA A 209 16.42 -6.79 -12.26
CA ALA A 209 15.75 -8.01 -11.89
C ALA A 209 16.75 -9.13 -11.95
N LYS A 210 17.46 -9.21 -13.08
CA LYS A 210 18.46 -10.22 -13.25
C LYS A 210 19.38 -10.24 -12.05
N VAL A 211 19.85 -9.07 -11.64
CA VAL A 211 20.74 -8.99 -10.48
C VAL A 211 20.10 -9.69 -9.28
N PHE A 212 18.82 -9.41 -9.04
CA PHE A 212 18.13 -10.04 -7.92
C PHE A 212 18.15 -11.57 -8.04
N GLY A 213 18.13 -12.06 -9.28
CA GLY A 213 18.17 -13.49 -9.51
C GLY A 213 19.36 -14.13 -8.80
N ARG A 214 20.36 -13.30 -8.49
CA ARG A 214 21.57 -13.73 -7.78
C ARG A 214 21.17 -14.59 -6.59
N TYR A 215 20.06 -14.22 -5.96
CA TYR A 215 19.57 -14.92 -4.79
C TYR A 215 18.90 -16.26 -5.13
N PHE A 216 18.32 -16.36 -6.31
CA PHE A 216 17.63 -17.58 -6.71
C PHE A 216 18.45 -18.73 -7.28
N THR A 217 19.75 -18.56 -7.46
CA THR A 217 20.52 -19.67 -7.99
C THR A 217 20.54 -20.83 -6.96
N MET B 1 -24.37 5.49 -1.27
CA MET B 1 -23.79 4.43 -2.15
C MET B 1 -23.52 3.13 -1.39
N ASP B 2 -23.63 2.01 -2.10
CA ASP B 2 -23.43 0.69 -1.51
C ASP B 2 -22.05 0.45 -0.93
N PHE B 3 -22.03 0.05 0.33
CA PHE B 3 -20.80 -0.21 1.04
C PHE B 3 -20.82 -1.59 1.67
N TYR B 4 -20.13 -2.53 1.04
CA TYR B 4 -20.07 -3.89 1.57
C TYR B 4 -18.94 -3.89 2.58
N TYR B 5 -19.26 -4.26 3.82
CA TYR B 5 -18.24 -4.22 4.87
C TYR B 5 -18.46 -5.17 6.04
N LEU B 6 -17.75 -4.88 7.13
CA LEU B 6 -17.81 -5.62 8.38
C LEU B 6 -17.30 -4.65 9.47
N PRO B 7 -18.06 -4.50 10.56
CA PRO B 7 -17.71 -3.62 11.67
C PRO B 7 -16.30 -3.71 12.22
N GLY B 8 -15.86 -4.93 12.53
CA GLY B 8 -14.54 -5.10 13.10
C GLY B 8 -13.40 -4.87 12.14
N SER B 9 -13.72 -4.74 10.85
CA SER B 9 -12.71 -4.52 9.82
C SER B 9 -12.10 -3.13 9.90
N ALA B 10 -10.78 -3.07 10.08
CA ALA B 10 -10.09 -1.79 10.15
C ALA B 10 -10.24 -1.00 8.86
N PRO B 11 -9.98 -1.62 7.70
CA PRO B 11 -10.11 -0.92 6.41
C PRO B 11 -11.51 -0.32 6.28
N CYS B 12 -12.50 -1.10 6.64
CA CYS B 12 -13.88 -0.64 6.55
C CYS B 12 -14.08 0.58 7.45
N ARG B 13 -13.57 0.50 8.67
CA ARG B 13 -13.69 1.60 9.59
C ARG B 13 -12.97 2.83 9.04
N ALA B 14 -11.84 2.61 8.37
CA ALA B 14 -11.10 3.73 7.79
C ALA B 14 -12.02 4.46 6.81
N VAL B 15 -12.68 3.69 5.96
CA VAL B 15 -13.58 4.26 4.98
C VAL B 15 -14.78 4.90 5.64
N GLN B 16 -15.22 4.34 6.76
CA GLN B 16 -16.38 4.91 7.44
C GLN B 16 -16.08 6.29 7.98
N MET B 17 -14.91 6.46 8.58
CA MET B 17 -14.55 7.76 9.12
C MET B 17 -14.38 8.78 8.00
N THR B 18 -13.81 8.32 6.90
CA THR B 18 -13.58 9.20 5.77
C THR B 18 -14.90 9.67 5.16
N ALA B 19 -15.84 8.75 5.03
CA ALA B 19 -17.15 9.06 4.48
C ALA B 19 -17.83 10.12 5.36
N ALA B 20 -17.71 9.94 6.67
CA ALA B 20 -18.29 10.89 7.61
C ALA B 20 -17.58 12.23 7.45
N ALA B 21 -16.26 12.21 7.26
CA ALA B 21 -15.50 13.44 7.12
C ALA B 21 -15.98 14.26 5.93
N VAL B 22 -16.35 13.58 4.85
CA VAL B 22 -16.80 14.29 3.65
C VAL B 22 -18.31 14.38 3.51
N GLY B 23 -19.04 14.03 4.55
CA GLY B 23 -20.48 14.11 4.49
C GLY B 23 -21.19 13.15 3.54
N VAL B 24 -20.61 11.98 3.31
CA VAL B 24 -21.24 10.99 2.45
C VAL B 24 -21.93 9.96 3.32
N GLU B 25 -23.09 9.48 2.90
CA GLU B 25 -23.82 8.47 3.68
C GLU B 25 -23.69 7.18 2.90
N LEU B 26 -23.25 6.13 3.56
CA LEU B 26 -23.10 4.86 2.89
C LEU B 26 -24.26 3.98 3.29
N ASN B 27 -24.93 3.36 2.33
CA ASN B 27 -25.98 2.46 2.74
C ASN B 27 -25.23 1.14 2.88
N LEU B 28 -24.95 0.82 4.14
CA LEU B 28 -24.21 -0.36 4.51
C LEU B 28 -24.77 -1.69 4.04
N LYS B 29 -23.85 -2.58 3.68
CA LYS B 29 -24.21 -3.90 3.22
C LYS B 29 -23.30 -4.89 3.92
N LEU B 30 -23.67 -5.21 5.15
CA LEU B 30 -22.94 -6.16 5.98
C LEU B 30 -22.70 -7.40 5.10
N THR B 31 -21.43 -7.71 4.90
CA THR B 31 -21.05 -8.85 4.08
C THR B 31 -20.34 -9.84 4.97
N ASN B 32 -21.07 -10.77 5.56
CA ASN B 32 -20.46 -11.74 6.44
C ASN B 32 -19.38 -12.53 5.71
N LEU B 33 -18.17 -12.50 6.24
CA LEU B 33 -17.04 -13.23 5.64
C LEU B 33 -17.04 -14.69 6.09
N MET B 34 -17.48 -14.92 7.34
CA MET B 34 -17.54 -16.28 7.87
C MET B 34 -18.23 -17.16 6.85
N ALA B 35 -19.33 -16.67 6.31
CA ALA B 35 -20.08 -17.39 5.28
C ALA B 35 -19.74 -16.65 3.99
N GLY B 36 -19.10 -17.37 3.05
CA GLY B 36 -18.67 -16.80 1.78
C GLY B 36 -19.55 -15.79 1.07
N GLU B 37 -20.07 -14.80 1.79
CA GLU B 37 -20.92 -13.79 1.20
C GLU B 37 -20.13 -13.01 0.18
N HIS B 38 -18.82 -12.96 0.41
CA HIS B 38 -17.91 -12.25 -0.47
C HIS B 38 -17.45 -13.21 -1.57
N MET B 39 -17.82 -14.48 -1.43
CA MET B 39 -17.44 -15.50 -2.40
C MET B 39 -18.56 -15.93 -3.35
N LYS B 40 -19.72 -15.28 -3.27
CA LYS B 40 -20.82 -15.63 -4.15
C LYS B 40 -20.81 -14.78 -5.42
N PRO B 41 -21.40 -15.30 -6.50
CA PRO B 41 -21.51 -14.66 -7.82
C PRO B 41 -21.69 -13.15 -7.87
N GLU B 42 -22.80 -12.67 -7.32
CA GLU B 42 -23.10 -11.24 -7.33
C GLU B 42 -21.90 -10.41 -6.92
N PHE B 43 -21.30 -10.75 -5.78
CA PHE B 43 -20.15 -10.01 -5.28
C PHE B 43 -18.90 -10.15 -6.14
N LEU B 44 -18.43 -11.37 -6.35
CA LEU B 44 -17.24 -11.60 -7.17
C LEU B 44 -17.41 -10.86 -8.50
N LYS B 45 -18.65 -10.69 -8.93
CA LYS B 45 -18.97 -10.00 -10.18
C LYS B 45 -18.56 -8.54 -10.10
N LEU B 46 -18.63 -7.98 -8.90
CA LEU B 46 -18.25 -6.60 -8.66
C LEU B 46 -16.75 -6.55 -8.38
N ASN B 47 -16.32 -7.28 -7.36
CA ASN B 47 -14.92 -7.35 -6.95
C ASN B 47 -14.38 -8.76 -7.14
N PRO B 48 -13.67 -9.01 -8.24
CA PRO B 48 -13.11 -10.34 -8.51
C PRO B 48 -12.12 -10.74 -7.41
N GLN B 49 -11.58 -9.76 -6.73
CA GLN B 49 -10.63 -10.01 -5.66
C GLN B 49 -11.40 -10.32 -4.37
N HIS B 50 -12.72 -10.25 -4.48
CA HIS B 50 -13.64 -10.51 -3.37
C HIS B 50 -13.14 -10.00 -2.02
N CYS B 51 -12.40 -8.91 -2.04
CA CYS B 51 -11.89 -8.38 -0.80
C CYS B 51 -12.85 -7.31 -0.29
N ILE B 52 -12.79 -7.06 1.01
CA ILE B 52 -13.65 -6.07 1.65
C ILE B 52 -12.72 -5.01 2.26
N PRO B 53 -13.18 -3.75 2.33
CA PRO B 53 -14.49 -3.28 1.88
C PRO B 53 -14.59 -3.10 0.38
N THR B 54 -15.83 -2.96 -0.10
CA THR B 54 -16.06 -2.76 -1.51
C THR B 54 -17.12 -1.70 -1.64
N LEU B 55 -16.83 -0.72 -2.48
CA LEU B 55 -17.73 0.40 -2.70
C LEU B 55 -18.30 0.38 -4.11
N VAL B 56 -19.60 0.65 -4.24
CA VAL B 56 -20.23 0.67 -5.54
C VAL B 56 -20.88 2.04 -5.71
N ASP B 57 -20.36 2.84 -6.62
CA ASP B 57 -20.86 4.19 -6.85
C ASP B 57 -22.21 4.26 -7.56
N GLU B 58 -22.87 5.41 -7.42
CA GLU B 58 -24.19 5.67 -8.01
C GLU B 58 -24.40 5.11 -9.40
N ASP B 59 -23.36 5.06 -10.21
CA ASP B 59 -23.48 4.57 -11.56
C ASP B 59 -22.77 3.24 -11.82
N GLY B 60 -22.79 2.36 -10.84
CA GLY B 60 -22.18 1.05 -11.01
C GLY B 60 -20.68 0.97 -10.96
N PHE B 61 -20.01 2.01 -10.49
CA PHE B 61 -18.57 1.97 -10.39
C PHE B 61 -18.14 1.23 -9.13
N VAL B 62 -17.31 0.21 -9.29
CA VAL B 62 -16.87 -0.60 -8.16
C VAL B 62 -15.44 -0.31 -7.74
N LEU B 63 -15.24 -0.17 -6.43
CA LEU B 63 -13.93 0.13 -5.88
C LEU B 63 -13.68 -0.63 -4.58
N TRP B 64 -12.47 -1.11 -4.41
CA TRP B 64 -12.10 -1.80 -3.18
C TRP B 64 -10.71 -1.34 -2.81
N GLU B 65 -10.25 -1.75 -1.63
CA GLU B 65 -8.96 -1.35 -1.09
C GLU B 65 -9.28 -0.03 -0.45
N SER B 66 -9.49 -0.08 0.86
CA SER B 66 -9.85 1.08 1.66
C SER B 66 -9.14 2.39 1.35
N ARG B 67 -7.82 2.34 1.29
CA ARG B 67 -7.07 3.55 1.05
C ARG B 67 -7.35 4.20 -0.29
N ALA B 68 -7.58 3.39 -1.32
CA ALA B 68 -7.90 3.93 -2.64
C ALA B 68 -9.29 4.57 -2.51
N ILE B 69 -10.18 3.93 -1.77
CA ILE B 69 -11.51 4.46 -1.58
C ILE B 69 -11.44 5.78 -0.82
N GLN B 70 -10.62 5.82 0.22
CA GLN B 70 -10.51 7.06 0.98
C GLN B 70 -10.20 8.22 0.06
N ILE B 71 -9.20 8.05 -0.80
CA ILE B 71 -8.81 9.09 -1.74
C ILE B 71 -9.95 9.45 -2.68
N TYR B 72 -10.63 8.42 -3.16
CA TYR B 72 -11.75 8.58 -4.07
C TYR B 72 -12.83 9.43 -3.44
N LEU B 73 -13.21 9.09 -2.21
CA LEU B 73 -14.24 9.82 -1.50
C LEU B 73 -13.89 11.29 -1.41
N VAL B 74 -12.62 11.58 -1.13
CA VAL B 74 -12.25 12.98 -1.01
C VAL B 74 -12.25 13.67 -2.35
N GLU B 75 -11.62 13.05 -3.32
CA GLU B 75 -11.54 13.64 -4.64
C GLU B 75 -12.88 13.83 -5.32
N LYS B 76 -13.77 12.85 -5.21
CA LYS B 76 -15.06 12.99 -5.86
C LYS B 76 -16.17 13.56 -5.01
N TYR B 77 -16.14 13.31 -3.71
CA TYR B 77 -17.23 13.80 -2.87
C TYR B 77 -16.88 14.88 -1.87
N GLY B 78 -15.62 14.97 -1.47
CA GLY B 78 -15.28 16.00 -0.51
C GLY B 78 -14.92 17.33 -1.17
N ALA B 79 -14.52 17.24 -2.43
CA ALA B 79 -14.11 18.42 -3.17
C ALA B 79 -15.12 19.58 -3.28
N HIS B 80 -16.41 19.29 -3.21
CA HIS B 80 -17.38 20.38 -3.29
C HIS B 80 -17.01 21.43 -2.25
N ASP B 81 -16.25 21.00 -1.24
CA ASP B 81 -15.79 21.85 -0.17
C ASP B 81 -14.28 21.86 -0.20
N ALA B 82 -13.72 22.73 -1.04
CA ALA B 82 -12.29 22.85 -1.22
C ALA B 82 -11.49 22.75 0.07
N ASP B 83 -11.81 23.58 1.05
CA ASP B 83 -11.07 23.56 2.31
C ASP B 83 -11.05 22.18 2.95
N LEU B 84 -12.16 21.46 2.84
CA LEU B 84 -12.23 20.14 3.43
C LEU B 84 -11.23 19.21 2.74
N ALA B 85 -11.32 19.15 1.43
CA ALA B 85 -10.44 18.31 0.62
C ALA B 85 -8.96 18.59 0.88
N GLU B 86 -8.59 19.87 0.95
CA GLU B 86 -7.21 20.27 1.18
C GLU B 86 -6.74 19.88 2.57
N ARG B 87 -7.66 19.85 3.52
CA ARG B 87 -7.33 19.48 4.88
C ARG B 87 -7.07 17.97 4.99
N LEU B 88 -7.94 17.19 4.37
CA LEU B 88 -7.83 15.73 4.42
C LEU B 88 -6.88 15.13 3.39
N TYR B 89 -6.68 15.84 2.29
CA TYR B 89 -5.85 15.35 1.21
C TYR B 89 -5.10 16.48 0.54
N PRO B 90 -4.13 17.09 1.25
CA PRO B 90 -3.30 18.21 0.77
C PRO B 90 -2.87 18.03 -0.68
N SER B 91 -3.09 19.07 -1.49
CA SER B 91 -2.74 19.03 -2.90
C SER B 91 -1.26 19.29 -3.20
N ASP B 92 -0.54 19.84 -2.25
CA ASP B 92 0.88 20.11 -2.49
C ASP B 92 1.60 18.77 -2.63
N PRO B 93 2.33 18.58 -3.73
CA PRO B 93 3.07 17.34 -3.98
C PRO B 93 3.85 16.80 -2.80
N ARG B 94 4.55 17.66 -2.08
CA ARG B 94 5.32 17.19 -0.94
C ARG B 94 4.41 16.74 0.17
N ARG B 95 3.45 17.58 0.54
CA ARG B 95 2.53 17.21 1.59
C ARG B 95 1.85 15.90 1.24
N ARG B 96 1.21 15.87 0.07
CA ARG B 96 0.52 14.68 -0.36
C ARG B 96 1.39 13.43 -0.34
N ALA B 97 2.65 13.60 -0.75
CA ALA B 97 3.59 12.49 -0.78
C ALA B 97 3.71 11.86 0.61
N VAL B 98 3.83 12.70 1.64
CA VAL B 98 3.93 12.20 3.01
C VAL B 98 2.66 11.45 3.36
N VAL B 99 1.51 11.99 2.98
CA VAL B 99 0.24 11.32 3.23
C VAL B 99 0.29 9.94 2.60
N HIS B 100 0.58 9.92 1.31
CA HIS B 100 0.68 8.66 0.57
C HIS B 100 1.63 7.70 1.24
N GLN B 101 2.78 8.23 1.64
CA GLN B 101 3.80 7.43 2.30
C GLN B 101 3.20 6.72 3.51
N ARG B 102 2.51 7.48 4.34
CA ARG B 102 1.89 6.93 5.54
C ARG B 102 0.83 5.87 5.21
N LEU B 103 0.02 6.14 4.19
CA LEU B 103 -1.02 5.21 3.77
C LEU B 103 -0.38 3.88 3.38
N PHE B 104 0.72 3.95 2.65
CA PHE B 104 1.42 2.74 2.24
C PHE B 104 2.05 2.07 3.45
N PHE B 105 2.56 2.89 4.35
CA PHE B 105 3.17 2.38 5.57
C PHE B 105 2.13 1.59 6.34
N ASP B 106 0.93 2.15 6.40
CA ASP B 106 -0.19 1.53 7.11
C ASP B 106 -0.53 0.13 6.58
N VAL B 107 -0.76 0.00 5.27
CA VAL B 107 -1.08 -1.31 4.68
C VAL B 107 0.05 -2.30 4.76
N ALA B 108 1.17 -1.91 4.18
CA ALA B 108 2.35 -2.75 4.08
C ALA B 108 3.12 -3.04 5.35
N VAL B 109 3.05 -2.15 6.33
CA VAL B 109 3.81 -2.35 7.55
C VAL B 109 3.03 -2.40 8.84
N LEU B 110 2.42 -1.27 9.21
CA LEU B 110 1.67 -1.19 10.45
C LEU B 110 0.60 -2.25 10.63
N TYR B 111 -0.33 -2.36 9.69
CA TYR B 111 -1.37 -3.38 9.83
C TYR B 111 -0.86 -4.76 9.44
N GLN B 112 -0.03 -4.80 8.40
CA GLN B 112 0.53 -6.05 7.93
C GLN B 112 1.15 -6.84 9.10
N ARG B 113 2.08 -6.21 9.81
CA ARG B 113 2.76 -6.86 10.93
C ARG B 113 1.83 -7.09 12.12
N PHE B 114 0.79 -6.28 12.25
CA PHE B 114 -0.15 -6.47 13.33
C PHE B 114 -0.80 -7.82 13.07
N ALA B 115 -1.33 -7.99 11.86
CA ALA B 115 -1.99 -9.23 11.48
C ALA B 115 -1.07 -10.44 11.52
N GLU B 116 0.11 -10.31 10.94
CA GLU B 116 1.08 -11.40 10.89
C GLU B 116 1.41 -11.96 12.27
N TYR B 117 1.25 -11.13 13.29
CA TYR B 117 1.52 -11.53 14.64
C TYR B 117 0.31 -12.08 15.37
N TYR B 118 -0.84 -11.44 15.18
CA TYR B 118 -2.06 -11.86 15.85
C TYR B 118 -2.93 -12.87 15.12
N TYR B 119 -3.08 -12.71 13.81
CA TYR B 119 -3.91 -13.64 13.03
C TYR B 119 -3.63 -15.10 13.30
N PRO B 120 -2.36 -15.46 13.50
CA PRO B 120 -2.06 -16.87 13.77
C PRO B 120 -2.58 -17.30 15.14
N GLN B 121 -2.80 -16.33 16.02
CA GLN B 121 -3.28 -16.59 17.38
C GLN B 121 -4.79 -16.56 17.56
N ILE B 122 -5.48 -15.69 16.82
CA ILE B 122 -6.92 -15.57 16.98
C ILE B 122 -7.72 -16.07 15.79
N PHE B 123 -7.02 -16.60 14.79
CA PHE B 123 -7.68 -17.11 13.60
C PHE B 123 -7.19 -18.53 13.31
N GLY B 124 -7.94 -19.23 12.46
CA GLY B 124 -7.60 -20.60 12.09
C GLY B 124 -7.01 -21.42 13.21
N GLN B 125 -5.69 -21.49 13.22
CA GLN B 125 -4.95 -22.24 14.24
C GLN B 125 -4.56 -21.30 15.37
N LYS B 126 -5.47 -21.01 16.29
CA LYS B 126 -5.18 -20.13 17.42
C LYS B 126 -3.91 -20.53 18.16
N VAL B 127 -2.75 -20.23 17.59
CA VAL B 127 -1.47 -20.58 18.21
C VAL B 127 -1.34 -19.99 19.60
N PRO B 128 -0.81 -20.76 20.56
CA PRO B 128 -0.62 -20.35 21.95
C PRO B 128 0.19 -19.06 22.12
N VAL B 129 -0.46 -17.94 21.81
CA VAL B 129 0.11 -16.60 21.95
C VAL B 129 1.59 -16.39 21.61
N GLY B 130 1.84 -15.70 20.49
CA GLY B 130 3.21 -15.34 20.15
C GLY B 130 4.11 -16.06 19.16
N ASP B 131 5.06 -15.27 18.68
CA ASP B 131 6.12 -15.64 17.75
C ASP B 131 7.04 -14.43 17.82
N PRO B 132 7.91 -14.41 18.84
CA PRO B 132 8.89 -13.36 19.14
C PRO B 132 9.40 -12.55 17.96
N GLY B 133 9.72 -13.22 16.86
CA GLY B 133 10.21 -12.50 15.70
C GLY B 133 9.17 -11.51 15.22
N ARG B 134 7.96 -12.00 15.03
CA ARG B 134 6.86 -11.18 14.55
C ARG B 134 6.46 -10.12 15.57
N LEU B 135 6.72 -10.38 16.84
CA LEU B 135 6.36 -9.43 17.87
C LEU B 135 7.30 -8.22 17.79
N ARG B 136 8.60 -8.49 17.67
CA ARG B 136 9.57 -7.41 17.57
C ARG B 136 9.31 -6.63 16.28
N SER B 137 9.10 -7.35 15.19
CA SER B 137 8.83 -6.72 13.91
C SER B 137 7.60 -5.83 14.00
N MET B 138 6.59 -6.28 14.74
CA MET B 138 5.37 -5.50 14.91
C MET B 138 5.64 -4.28 15.76
N GLU B 139 6.36 -4.46 16.86
CA GLU B 139 6.65 -3.34 17.73
C GLU B 139 7.54 -2.32 17.00
N GLN B 140 8.37 -2.82 16.08
CA GLN B 140 9.24 -1.95 15.31
C GLN B 140 8.40 -0.99 14.48
N ALA B 141 7.29 -1.50 13.96
CA ALA B 141 6.38 -0.67 13.16
C ALA B 141 5.82 0.44 14.04
N LEU B 142 5.60 0.13 15.32
CA LEU B 142 5.08 1.10 16.28
C LEU B 142 6.16 2.11 16.60
N GLU B 143 7.40 1.66 16.67
CA GLU B 143 8.49 2.58 16.96
C GLU B 143 8.54 3.61 15.83
N PHE B 144 8.45 3.12 14.59
CA PHE B 144 8.46 4.00 13.42
C PHE B 144 7.35 5.04 13.51
N LEU B 145 6.13 4.56 13.75
CA LEU B 145 4.99 5.45 13.84
C LEU B 145 5.24 6.46 14.96
N ASN B 146 5.83 5.98 16.06
CA ASN B 146 6.12 6.84 17.19
C ASN B 146 7.06 7.95 16.77
N THR B 147 8.06 7.58 15.98
CA THR B 147 9.03 8.55 15.47
C THR B 147 8.36 9.54 14.52
N PHE B 148 7.51 9.05 13.62
CA PHE B 148 6.82 9.93 12.67
C PHE B 148 6.06 11.01 13.42
N LEU B 149 5.52 10.64 14.59
CA LEU B 149 4.74 11.55 15.40
C LEU B 149 5.55 12.46 16.34
N GLU B 150 6.84 12.23 16.40
CA GLU B 150 7.71 13.04 17.25
C GLU B 150 7.52 14.50 16.89
N GLY B 151 7.02 15.29 17.84
CA GLY B 151 6.80 16.70 17.59
C GLY B 151 5.82 17.01 16.47
N GLU B 152 4.84 16.14 16.30
CA GLU B 152 3.83 16.32 15.26
C GLU B 152 2.47 15.92 15.81
N GLN B 153 1.43 16.66 15.44
CA GLN B 153 0.10 16.33 15.92
C GLN B 153 -0.50 15.22 15.09
N TYR B 154 -0.21 15.23 13.80
CA TYR B 154 -0.77 14.24 12.90
C TYR B 154 0.28 13.43 12.16
N VAL B 155 -0.04 12.16 11.94
CA VAL B 155 0.85 11.22 11.27
C VAL B 155 1.59 11.70 10.04
N ALA B 156 0.97 12.58 9.26
CA ALA B 156 1.61 13.08 8.06
C ALA B 156 1.93 14.56 8.19
N GLY B 157 1.98 15.04 9.43
CA GLY B 157 2.25 16.45 9.64
C GLY B 157 0.99 17.27 9.39
N GLY B 158 1.13 18.58 9.33
CA GLY B 158 -0.02 19.42 9.10
C GLY B 158 -0.77 19.73 10.39
N ASP B 159 -1.62 20.75 10.34
CA ASP B 159 -2.36 21.14 11.53
C ASP B 159 -3.76 20.58 11.58
N ASP B 160 -4.00 19.57 10.75
CA ASP B 160 -5.30 18.93 10.71
C ASP B 160 -5.15 17.49 10.28
N PRO B 161 -5.95 16.60 10.87
CA PRO B 161 -5.86 15.19 10.50
C PRO B 161 -6.07 15.06 9.00
N THR B 162 -5.40 14.08 8.40
CA THR B 162 -5.56 13.84 6.98
C THR B 162 -6.10 12.44 6.85
N ILE B 163 -6.30 12.05 5.60
CA ILE B 163 -6.80 10.73 5.26
C ILE B 163 -5.92 9.69 5.96
N ALA B 164 -4.63 10.00 6.08
CA ALA B 164 -3.66 9.10 6.71
C ALA B 164 -3.94 8.86 8.19
N ASP B 165 -4.34 9.93 8.89
CA ASP B 165 -4.66 9.84 10.30
C ASP B 165 -5.81 8.89 10.53
N LEU B 166 -6.82 9.01 9.68
CA LEU B 166 -8.01 8.17 9.80
C LEU B 166 -7.69 6.72 9.52
N SER B 167 -6.86 6.47 8.52
CA SER B 167 -6.50 5.11 8.16
C SER B 167 -5.74 4.47 9.31
N ILE B 168 -4.70 5.16 9.77
CA ILE B 168 -3.90 4.63 10.84
C ILE B 168 -4.68 4.61 12.14
N LEU B 169 -5.63 5.54 12.26
CA LEU B 169 -6.45 5.57 13.45
C LEU B 169 -7.26 4.27 13.52
N ALA B 170 -7.64 3.73 12.37
CA ALA B 170 -8.40 2.49 12.33
C ALA B 170 -7.50 1.34 12.73
N THR B 171 -6.30 1.31 12.14
CA THR B 171 -5.35 0.27 12.44
C THR B 171 -5.01 0.23 13.92
N ILE B 172 -4.60 1.38 14.45
CA ILE B 172 -4.21 1.48 15.85
C ILE B 172 -5.33 1.12 16.80
N ALA B 173 -6.56 1.50 16.47
CA ALA B 173 -7.67 1.17 17.35
C ALA B 173 -7.77 -0.35 17.43
N THR B 174 -7.31 -1.03 16.37
CA THR B 174 -7.35 -2.48 16.34
C THR B 174 -6.27 -2.99 17.28
N TYR B 175 -5.14 -2.29 17.31
CA TYR B 175 -4.03 -2.67 18.18
C TYR B 175 -4.52 -2.68 19.62
N GLU B 176 -5.28 -1.64 19.98
CA GLU B 176 -5.79 -1.53 21.33
C GLU B 176 -6.69 -2.71 21.74
N VAL B 177 -7.72 -2.98 20.95
CA VAL B 177 -8.62 -4.07 21.28
C VAL B 177 -7.83 -5.38 21.36
N ALA B 178 -6.76 -5.46 20.60
CA ALA B 178 -5.92 -6.64 20.59
C ALA B 178 -5.26 -6.79 21.97
N GLY B 179 -5.25 -5.70 22.73
CA GLY B 179 -4.67 -5.72 24.06
C GLY B 179 -3.24 -5.25 24.16
N TYR B 180 -2.67 -4.76 23.07
CA TYR B 180 -1.30 -4.28 23.13
C TYR B 180 -1.29 -2.99 23.94
N ASP B 181 -0.23 -2.77 24.72
CA ASP B 181 -0.15 -1.57 25.53
C ASP B 181 0.49 -0.43 24.77
N LEU B 182 -0.34 0.45 24.22
CA LEU B 182 0.16 1.58 23.46
C LEU B 182 0.83 2.63 24.32
N ARG B 183 0.71 2.52 25.64
CA ARG B 183 1.34 3.50 26.50
C ARG B 183 2.85 3.40 26.31
N ARG B 184 3.28 2.26 25.79
CA ARG B 184 4.69 2.01 25.53
C ARG B 184 5.25 2.90 24.40
N TYR B 185 4.38 3.73 23.81
CA TYR B 185 4.80 4.63 22.74
C TYR B 185 4.04 5.94 22.90
N GLU B 186 4.59 6.81 23.73
CA GLU B 186 3.98 8.11 24.03
C GLU B 186 3.29 8.80 22.87
N ASN B 187 4.05 9.09 21.83
CA ASN B 187 3.50 9.78 20.67
C ASN B 187 2.27 9.09 20.09
N VAL B 188 2.36 7.78 19.91
CA VAL B 188 1.23 7.03 19.37
C VAL B 188 0.03 7.14 20.30
N GLN B 189 0.29 6.93 21.59
CA GLN B 189 -0.74 6.99 22.63
C GLN B 189 -1.36 8.38 22.65
N ARG B 190 -0.51 9.39 22.67
CA ARG B 190 -0.97 10.77 22.69
C ARG B 190 -1.79 11.05 21.45
N TRP B 191 -1.23 10.77 20.28
CA TRP B 191 -1.92 10.99 19.01
C TRP B 191 -3.26 10.27 18.97
N TYR B 192 -3.25 9.01 19.38
CA TYR B 192 -4.45 8.20 19.38
C TYR B 192 -5.61 8.84 20.13
N GLU B 193 -5.39 9.13 21.41
CA GLU B 193 -6.42 9.74 22.24
C GLU B 193 -6.91 11.03 21.61
N ARG B 194 -5.99 11.97 21.41
CA ARG B 194 -6.36 13.24 20.84
C ARG B 194 -7.19 13.07 19.57
N THR B 195 -6.59 12.45 18.56
CA THR B 195 -7.25 12.24 17.27
C THR B 195 -8.61 11.58 17.38
N SER B 196 -8.69 10.53 18.19
CA SER B 196 -9.96 9.82 18.37
C SER B 196 -11.00 10.75 18.99
N ALA B 197 -10.54 11.87 19.52
CA ALA B 197 -11.45 12.80 20.16
C ALA B 197 -11.97 13.92 19.26
N ILE B 198 -11.39 14.08 18.08
CA ILE B 198 -11.83 15.16 17.20
C ILE B 198 -12.20 14.72 15.80
N VAL B 199 -12.06 13.43 15.53
CA VAL B 199 -12.35 12.93 14.20
C VAL B 199 -13.78 12.48 13.98
N PRO B 200 -14.33 12.79 12.79
CA PRO B 200 -15.70 12.42 12.46
C PRO B 200 -15.78 10.89 12.35
N GLY B 201 -16.76 10.29 13.02
CA GLY B 201 -16.92 8.85 12.95
C GLY B 201 -16.06 8.06 13.92
N ALA B 202 -15.23 8.77 14.68
CA ALA B 202 -14.35 8.12 15.64
C ALA B 202 -15.12 7.09 16.46
N ASP B 203 -16.33 7.44 16.89
CA ASP B 203 -17.13 6.53 17.67
C ASP B 203 -17.23 5.20 16.94
N LYS B 204 -17.76 5.24 15.73
CA LYS B 204 -17.92 4.05 14.93
C LYS B 204 -16.62 3.26 14.90
N ASN B 205 -15.50 3.96 14.91
CA ASN B 205 -14.20 3.29 14.86
C ASN B 205 -13.92 2.52 16.15
N VAL B 206 -14.09 3.16 17.29
CA VAL B 206 -13.86 2.52 18.58
C VAL B 206 -14.80 1.32 18.72
N GLU B 207 -16.07 1.54 18.40
CA GLU B 207 -17.05 0.48 18.48
C GLU B 207 -16.74 -0.68 17.54
N GLY B 208 -16.57 -0.42 16.25
CA GLY B 208 -16.24 -1.50 15.33
C GLY B 208 -15.03 -2.26 15.82
N ALA B 209 -14.05 -1.50 16.33
CA ALA B 209 -12.82 -2.10 16.86
C ALA B 209 -13.22 -3.04 17.96
N LYS B 210 -14.07 -2.55 18.86
CA LYS B 210 -14.52 -3.39 19.96
C LYS B 210 -15.06 -4.70 19.43
N VAL B 211 -15.88 -4.63 18.39
CA VAL B 211 -16.42 -5.85 17.79
C VAL B 211 -15.28 -6.80 17.43
N PHE B 212 -14.24 -6.27 16.81
CA PHE B 212 -13.11 -7.11 16.43
C PHE B 212 -12.50 -7.78 17.66
N GLY B 213 -12.54 -7.08 18.79
CA GLY B 213 -12.02 -7.64 20.03
C GLY B 213 -12.60 -9.02 20.32
N ARG B 214 -13.76 -9.28 19.72
CA ARG B 214 -14.46 -10.56 19.86
C ARG B 214 -13.46 -11.70 19.69
N TYR B 215 -12.53 -11.50 18.75
CA TYR B 215 -11.52 -12.50 18.44
C TYR B 215 -10.44 -12.62 19.51
N PHE B 216 -10.14 -11.53 20.19
CA PHE B 216 -9.07 -11.54 21.20
C PHE B 216 -9.47 -12.01 22.59
N THR B 217 -10.75 -12.29 22.76
CA THR B 217 -11.27 -12.76 24.04
C THR B 217 -11.42 -14.28 24.01
#